data_1QFE
#
_entry.id   1QFE
#
_cell.length_a   60.490
_cell.length_b   45.390
_cell.length_c   85.470
_cell.angle_alpha   90.00
_cell.angle_beta   95.48
_cell.angle_gamma   90.00
#
_symmetry.space_group_name_H-M   'P 1 21 1'
#
loop_
_entity.id
_entity.type
_entity.pdbx_description
1 polymer 'PROTEIN (3-DEHYDROQUINATE DEHYDRATASE)'
2 non-polymer 3-AMINO-4,5-DIHYDROXY-CYCLOHEX-1-ENECARBOXYLATE
3 water water
#
_entity_poly.entity_id   1
_entity_poly.type   'polypeptide(L)'
_entity_poly.pdbx_seq_one_letter_code
;MKTVTVKNLIIGEGMPKIIVSLMGRDINSVKAEALAYREATFDILEWRVDHFMDIASTQSVLTAARVIRDAMPDIPLLFT
FRSAKEGGEQTITTQHYLTLNRAAIDSGLVDMIDLELFTGDADVKATVDYAHAHNVYVVMSNHDFHQTPSAEEMVSRLRK
MQALGADIPKIAVMPQSKHDVLTLLTATLEMQQHYADRPVITMSMAKEGVISRLAGEVFGSAATFGAVKQASAPGQIAVN
DLRSVLMILHNA
;
_entity_poly.pdbx_strand_id   A,B
#
# COMPACT_ATOMS: atom_id res chain seq x y z
N MET A 1 -9.32 1.75 -21.77
CA MET A 1 -9.79 0.37 -21.52
C MET A 1 -11.30 0.38 -21.33
N LYS A 2 -11.90 -0.79 -21.52
CA LYS A 2 -13.35 -0.95 -21.38
C LYS A 2 -13.69 -1.17 -19.91
N THR A 3 -14.93 -0.88 -19.55
CA THR A 3 -15.42 -1.06 -18.20
C THR A 3 -16.52 -2.10 -18.29
N VAL A 4 -16.94 -2.63 -17.15
CA VAL A 4 -18.00 -3.61 -17.11
C VAL A 4 -19.01 -3.05 -16.14
N THR A 5 -20.20 -2.75 -16.63
CA THR A 5 -21.26 -2.21 -15.77
C THR A 5 -22.22 -3.33 -15.39
N VAL A 6 -22.17 -3.75 -14.13
CA VAL A 6 -23.02 -4.79 -13.59
C VAL A 6 -24.02 -4.07 -12.70
N LYS A 7 -25.30 -4.15 -13.06
CA LYS A 7 -26.35 -3.44 -12.34
C LYS A 7 -25.98 -1.95 -12.37
N ASN A 8 -25.86 -1.32 -11.20
CA ASN A 8 -25.49 0.10 -11.15
C ASN A 8 -24.00 0.33 -10.89
N LEU A 9 -23.24 -0.76 -10.86
CA LEU A 9 -21.83 -0.71 -10.56
C LEU A 9 -20.95 -0.68 -11.79
N ILE A 10 -19.98 0.23 -11.86
CA ILE A 10 -19.09 0.26 -13.01
C ILE A 10 -17.75 -0.28 -12.54
N ILE A 11 -17.30 -1.37 -13.14
CA ILE A 11 -16.06 -2.01 -12.78
C ILE A 11 -14.98 -1.52 -13.74
N GLY A 12 -13.83 -1.15 -13.17
CA GLY A 12 -12.71 -0.65 -13.97
C GLY A 12 -12.64 0.87 -13.96
N GLU A 13 -13.45 1.50 -13.11
CA GLU A 13 -13.49 2.95 -13.01
C GLU A 13 -13.62 3.36 -11.55
N GLY A 14 -12.77 4.29 -11.14
CA GLY A 14 -12.79 4.78 -9.77
C GLY A 14 -12.03 3.94 -8.78
N MET A 15 -12.54 3.92 -7.56
CA MET A 15 -11.96 3.18 -6.45
C MET A 15 -12.22 1.70 -6.74
N PRO A 16 -11.26 0.81 -6.43
CA PRO A 16 -11.49 -0.61 -6.70
C PRO A 16 -12.74 -1.11 -5.96
N LYS A 17 -13.49 -1.98 -6.62
CA LYS A 17 -14.71 -2.52 -6.02
C LYS A 17 -14.40 -3.64 -5.03
N ILE A 18 -15.15 -3.69 -3.94
CA ILE A 18 -14.96 -4.68 -2.88
C ILE A 18 -15.88 -5.87 -3.10
N ILE A 19 -15.30 -7.07 -3.10
CA ILE A 19 -16.03 -8.30 -3.28
C ILE A 19 -15.88 -9.15 -2.02
N VAL A 20 -16.97 -9.72 -1.52
CA VAL A 20 -16.89 -10.60 -0.35
C VAL A 20 -17.45 -11.95 -0.78
N SER A 21 -16.96 -13.03 -0.17
CA SER A 21 -17.43 -14.37 -0.48
C SER A 21 -18.40 -14.92 0.58
N LEU A 22 -19.52 -15.50 0.13
CA LEU A 22 -20.50 -16.12 1.02
C LEU A 22 -20.21 -17.62 0.94
N MET A 23 -20.09 -18.26 2.10
CA MET A 23 -19.77 -19.67 2.14
C MET A 23 -20.71 -20.42 3.09
N GLY A 24 -21.68 -21.13 2.51
CA GLY A 24 -22.64 -21.88 3.29
C GLY A 24 -22.64 -23.36 2.94
N ARG A 25 -22.69 -24.20 3.96
CA ARG A 25 -22.68 -25.66 3.79
C ARG A 25 -23.98 -26.21 3.19
N ASP A 26 -25.09 -25.56 3.49
CA ASP A 26 -26.37 -26.00 2.99
C ASP A 26 -27.30 -24.82 2.88
N ILE A 27 -28.52 -25.06 2.39
CA ILE A 27 -29.51 -24.02 2.17
C ILE A 27 -29.83 -23.19 3.42
N ASN A 28 -29.83 -23.83 4.58
CA ASN A 28 -30.11 -23.10 5.83
C ASN A 28 -28.95 -22.18 6.16
N SER A 29 -27.73 -22.67 5.98
CA SER A 29 -26.54 -21.87 6.23
C SER A 29 -26.51 -20.73 5.23
N VAL A 30 -26.64 -21.04 3.94
CA VAL A 30 -26.63 -20.02 2.90
C VAL A 30 -27.64 -18.90 3.24
N LYS A 31 -28.81 -19.31 3.71
CA LYS A 31 -29.88 -18.41 4.08
C LYS A 31 -29.49 -17.52 5.26
N ALA A 32 -28.87 -18.10 6.28
CA ALA A 32 -28.45 -17.36 7.46
C ALA A 32 -27.32 -16.39 7.13
N GLU A 33 -26.39 -16.83 6.31
CA GLU A 33 -25.26 -16.01 5.90
C GLU A 33 -25.71 -14.85 5.03
N ALA A 34 -26.67 -15.08 4.13
CA ALA A 34 -27.17 -14.04 3.23
C ALA A 34 -27.86 -12.89 3.98
N LEU A 35 -28.50 -13.23 5.09
CA LEU A 35 -29.20 -12.23 5.89
C LEU A 35 -28.21 -11.46 6.77
N ALA A 36 -27.13 -12.13 7.16
CA ALA A 36 -26.09 -11.53 7.97
C ALA A 36 -25.26 -10.56 7.13
N TYR A 37 -24.95 -10.97 5.89
CA TYR A 37 -24.17 -10.14 4.98
C TYR A 37 -24.89 -8.84 4.62
N ARG A 38 -26.21 -8.80 4.80
CA ARG A 38 -26.97 -7.59 4.48
C ARG A 38 -26.54 -6.37 5.32
N GLU A 39 -25.95 -6.65 6.48
CA GLU A 39 -25.49 -5.61 7.38
C GLU A 39 -24.01 -5.23 7.14
N ALA A 40 -23.45 -5.68 6.02
CA ALA A 40 -22.07 -5.36 5.68
C ALA A 40 -22.08 -4.53 4.42
N THR A 41 -21.04 -3.73 4.22
CA THR A 41 -20.96 -2.89 3.04
C THR A 41 -19.90 -3.43 2.07
N PHE A 42 -20.35 -3.77 0.86
CA PHE A 42 -19.51 -4.31 -0.20
C PHE A 42 -20.24 -4.01 -1.50
N ASP A 43 -19.55 -4.19 -2.62
CA ASP A 43 -20.14 -3.90 -3.92
C ASP A 43 -20.64 -5.12 -4.72
N ILE A 44 -19.90 -6.23 -4.63
CA ILE A 44 -20.21 -7.47 -5.35
C ILE A 44 -20.15 -8.62 -4.35
N LEU A 45 -21.12 -9.53 -4.47
CA LEU A 45 -21.18 -10.70 -3.62
C LEU A 45 -20.80 -11.91 -4.47
N GLU A 46 -19.84 -12.70 -3.99
CA GLU A 46 -19.42 -13.89 -4.69
C GLU A 46 -19.89 -15.08 -3.86
N TRP A 47 -20.66 -15.98 -4.47
CA TRP A 47 -21.10 -17.16 -3.76
C TRP A 47 -20.11 -18.25 -4.09
N ARG A 48 -19.43 -18.79 -3.08
CA ARG A 48 -18.47 -19.86 -3.30
C ARG A 48 -19.22 -21.18 -3.22
N VAL A 49 -19.66 -21.64 -4.39
CA VAL A 49 -20.45 -22.87 -4.54
C VAL A 49 -19.72 -24.13 -4.09
N ASP A 50 -18.39 -24.13 -4.19
CA ASP A 50 -17.61 -25.30 -3.76
C ASP A 50 -17.70 -25.57 -2.27
N HIS A 51 -18.22 -24.62 -1.50
CA HIS A 51 -18.37 -24.83 -0.07
C HIS A 51 -19.74 -25.46 0.20
N PHE A 52 -20.64 -25.39 -0.78
CA PHE A 52 -21.98 -25.94 -0.69
C PHE A 52 -21.86 -27.46 -0.80
N MET A 53 -22.38 -28.20 0.17
CA MET A 53 -22.26 -29.65 0.14
C MET A 53 -23.29 -30.44 -0.67
N ASP A 54 -24.32 -29.77 -1.15
CA ASP A 54 -25.33 -30.42 -1.97
C ASP A 54 -25.14 -30.12 -3.46
N ILE A 55 -23.89 -30.01 -3.91
CA ILE A 55 -23.64 -29.70 -5.31
C ILE A 55 -24.05 -30.79 -6.29
N ALA A 56 -24.31 -31.99 -5.78
CA ALA A 56 -24.71 -33.12 -6.62
C ALA A 56 -26.03 -32.87 -7.32
N SER A 57 -26.88 -32.06 -6.70
CA SER A 57 -28.17 -31.74 -7.26
C SER A 57 -28.23 -30.31 -7.83
N THR A 58 -28.50 -30.21 -9.14
CA THR A 58 -28.61 -28.93 -9.81
C THR A 58 -29.75 -28.14 -9.19
N GLN A 59 -30.81 -28.83 -8.77
CA GLN A 59 -31.96 -28.17 -8.16
C GLN A 59 -31.61 -27.53 -6.82
N SER A 60 -30.76 -28.19 -6.03
CA SER A 60 -30.35 -27.65 -4.74
C SER A 60 -29.51 -26.39 -4.92
N VAL A 61 -28.54 -26.47 -5.82
CA VAL A 61 -27.66 -25.35 -6.14
C VAL A 61 -28.48 -24.14 -6.63
N LEU A 62 -29.44 -24.36 -7.52
CA LEU A 62 -30.26 -23.27 -8.04
C LEU A 62 -31.17 -22.72 -6.97
N THR A 63 -31.57 -23.57 -6.05
CA THR A 63 -32.44 -23.14 -4.97
C THR A 63 -31.63 -22.28 -3.98
N ALA A 64 -30.38 -22.64 -3.73
CA ALA A 64 -29.52 -21.87 -2.84
C ALA A 64 -29.24 -20.50 -3.46
N ALA A 65 -29.12 -20.45 -4.80
CA ALA A 65 -28.89 -19.20 -5.50
C ALA A 65 -30.11 -18.29 -5.42
N ARG A 66 -31.30 -18.86 -5.51
CA ARG A 66 -32.53 -18.06 -5.45
C ARG A 66 -32.69 -17.44 -4.07
N VAL A 67 -32.27 -18.16 -3.04
CA VAL A 67 -32.33 -17.66 -1.66
C VAL A 67 -31.42 -16.42 -1.50
N ILE A 68 -30.20 -16.49 -2.04
CA ILE A 68 -29.25 -15.38 -1.99
C ILE A 68 -29.87 -14.21 -2.77
N ARG A 69 -30.28 -14.47 -4.00
CA ARG A 69 -30.92 -13.48 -4.86
C ARG A 69 -32.06 -12.75 -4.19
N ASP A 70 -32.83 -13.45 -3.36
CA ASP A 70 -33.97 -12.83 -2.70
C ASP A 70 -33.59 -11.95 -1.52
N ALA A 71 -32.47 -12.27 -0.87
CA ALA A 71 -31.99 -11.51 0.27
C ALA A 71 -31.28 -10.21 -0.17
N MET A 72 -30.60 -10.25 -1.31
CA MET A 72 -29.87 -9.10 -1.83
C MET A 72 -30.07 -9.01 -3.33
N PRO A 73 -31.28 -8.59 -3.76
CA PRO A 73 -31.66 -8.46 -5.18
C PRO A 73 -31.04 -7.32 -5.96
N ASP A 74 -30.25 -6.52 -5.25
CA ASP A 74 -29.62 -5.35 -5.82
C ASP A 74 -28.11 -5.51 -6.01
N ILE A 75 -27.51 -6.40 -5.24
CA ILE A 75 -26.08 -6.65 -5.27
C ILE A 75 -25.66 -7.52 -6.43
N PRO A 76 -24.66 -7.08 -7.22
CA PRO A 76 -24.20 -7.91 -8.34
C PRO A 76 -23.80 -9.26 -7.74
N LEU A 77 -24.22 -10.36 -8.35
CA LEU A 77 -23.90 -11.68 -7.83
C LEU A 77 -22.96 -12.48 -8.75
N LEU A 78 -21.83 -12.88 -8.19
CA LEU A 78 -20.82 -13.65 -8.91
C LEU A 78 -20.97 -15.11 -8.45
N PHE A 79 -21.17 -16.01 -9.41
CA PHE A 79 -21.35 -17.44 -9.14
C PHE A 79 -19.99 -18.10 -9.31
N THR A 80 -19.44 -18.64 -8.23
CA THR A 80 -18.12 -19.26 -8.32
C THR A 80 -17.93 -20.66 -7.74
N PHE A 81 -17.63 -21.62 -8.61
CA PHE A 81 -17.31 -22.93 -8.10
C PHE A 81 -15.78 -22.99 -8.24
N ARG A 82 -15.08 -23.00 -7.12
CA ARG A 82 -13.63 -23.07 -7.14
C ARG A 82 -13.19 -24.54 -6.97
N SER A 83 -12.54 -25.09 -7.99
CA SER A 83 -12.09 -26.46 -7.91
C SER A 83 -10.93 -26.58 -6.95
N ALA A 84 -10.75 -27.77 -6.36
CA ALA A 84 -9.69 -28.02 -5.39
C ALA A 84 -8.26 -27.87 -5.92
N LYS A 85 -8.06 -28.04 -7.22
CA LYS A 85 -6.73 -27.87 -7.81
C LYS A 85 -6.30 -26.41 -7.75
N GLU A 86 -7.28 -25.53 -7.59
CA GLU A 86 -7.01 -24.09 -7.50
C GLU A 86 -7.43 -23.51 -6.17
N GLY A 87 -7.27 -24.30 -5.10
CA GLY A 87 -7.57 -23.86 -3.76
C GLY A 87 -8.99 -24.01 -3.22
N GLY A 88 -9.86 -24.65 -3.98
CA GLY A 88 -11.25 -24.83 -3.58
C GLY A 88 -11.51 -26.00 -2.64
N GLU A 89 -12.77 -26.15 -2.24
CA GLU A 89 -13.15 -27.19 -1.29
C GLU A 89 -13.50 -28.58 -1.86
N GLN A 90 -13.80 -28.65 -3.15
CA GLN A 90 -14.21 -29.93 -3.74
C GLN A 90 -13.73 -30.14 -5.16
N THR A 91 -13.84 -31.39 -5.60
CA THR A 91 -13.48 -31.77 -6.94
C THR A 91 -14.72 -32.32 -7.61
N ILE A 92 -14.99 -31.88 -8.83
CA ILE A 92 -16.12 -32.40 -9.59
C ILE A 92 -15.66 -32.59 -11.02
N THR A 93 -16.44 -33.34 -11.79
CA THR A 93 -16.14 -33.57 -13.19
C THR A 93 -16.34 -32.29 -13.98
N THR A 94 -15.61 -32.16 -15.09
CA THR A 94 -15.72 -30.99 -15.94
C THR A 94 -17.17 -30.84 -16.44
N GLN A 95 -17.81 -31.96 -16.77
CA GLN A 95 -19.19 -31.89 -17.24
C GLN A 95 -20.15 -31.44 -16.17
N HIS A 96 -19.95 -31.87 -14.93
CA HIS A 96 -20.85 -31.42 -13.86
C HIS A 96 -20.64 -29.90 -13.64
N TYR A 97 -19.37 -29.50 -13.67
CA TYR A 97 -18.94 -28.11 -13.52
C TYR A 97 -19.61 -27.23 -14.57
N LEU A 98 -19.54 -27.64 -15.82
CA LEU A 98 -20.15 -26.89 -16.91
C LEU A 98 -21.67 -26.88 -16.78
N THR A 99 -22.24 -27.98 -16.30
CA THR A 99 -23.69 -28.03 -16.15
C THR A 99 -24.17 -27.04 -15.08
N LEU A 100 -23.47 -26.97 -13.96
CA LEU A 100 -23.85 -26.03 -12.90
C LEU A 100 -23.79 -24.60 -13.42
N ASN A 101 -22.69 -24.28 -14.11
CA ASN A 101 -22.49 -22.95 -14.69
C ASN A 101 -23.52 -22.58 -15.76
N ARG A 102 -23.83 -23.48 -16.68
CA ARG A 102 -24.84 -23.18 -17.71
C ARG A 102 -26.22 -23.02 -17.08
N ALA A 103 -26.52 -23.83 -16.05
CA ALA A 103 -27.80 -23.75 -15.34
C ALA A 103 -27.93 -22.43 -14.59
N ALA A 104 -26.83 -21.99 -13.96
CA ALA A 104 -26.78 -20.70 -13.24
C ALA A 104 -27.02 -19.56 -14.25
N ILE A 105 -26.34 -19.62 -15.39
CA ILE A 105 -26.50 -18.63 -16.46
C ILE A 105 -27.94 -18.60 -16.97
N ASP A 106 -28.52 -19.78 -17.21
CA ASP A 106 -29.91 -19.96 -17.69
C ASP A 106 -31.03 -19.41 -16.83
N SER A 107 -30.88 -19.64 -15.53
CA SER A 107 -31.83 -19.28 -14.51
C SER A 107 -32.14 -17.79 -14.32
N GLY A 108 -31.20 -16.95 -14.74
CA GLY A 108 -31.36 -15.52 -14.58
C GLY A 108 -31.12 -15.11 -13.14
N LEU A 109 -30.48 -15.97 -12.36
CA LEU A 109 -30.23 -15.70 -10.94
C LEU A 109 -28.87 -15.03 -10.65
N VAL A 110 -27.92 -15.15 -11.56
CA VAL A 110 -26.59 -14.58 -11.34
C VAL A 110 -26.19 -13.53 -12.38
N ASP A 111 -25.31 -12.62 -11.99
CA ASP A 111 -24.86 -11.57 -12.89
C ASP A 111 -23.56 -11.90 -13.56
N MET A 112 -22.76 -12.69 -12.89
CA MET A 112 -21.47 -13.09 -13.41
C MET A 112 -21.20 -14.50 -12.94
N ILE A 113 -20.36 -15.22 -13.68
CA ILE A 113 -19.95 -16.56 -13.32
C ILE A 113 -18.42 -16.52 -13.37
N ASP A 114 -17.78 -17.37 -12.58
CA ASP A 114 -16.33 -17.46 -12.60
C ASP A 114 -16.04 -18.74 -13.40
N LEU A 115 -15.16 -18.62 -14.38
CA LEU A 115 -14.77 -19.76 -15.21
C LEU A 115 -13.23 -19.90 -15.13
N GLU A 116 -12.75 -21.03 -14.66
CA GLU A 116 -11.31 -21.23 -14.57
C GLU A 116 -10.73 -21.44 -15.96
N LEU A 117 -9.65 -20.71 -16.25
CA LEU A 117 -8.95 -20.74 -17.52
C LEU A 117 -8.50 -22.14 -17.96
N PHE A 118 -7.90 -22.87 -17.03
CA PHE A 118 -7.38 -24.22 -17.29
C PHE A 118 -8.43 -25.34 -17.34
N THR A 119 -9.70 -24.97 -17.50
CA THR A 119 -10.79 -25.93 -17.60
C THR A 119 -10.69 -26.64 -18.95
N GLY A 120 -10.25 -25.88 -19.97
CA GLY A 120 -10.11 -26.40 -21.31
C GLY A 120 -10.60 -25.32 -22.25
N ASP A 121 -9.78 -24.95 -23.22
CA ASP A 121 -10.13 -23.88 -24.16
C ASP A 121 -11.50 -24.00 -24.83
N ALA A 122 -11.78 -25.16 -25.42
CA ALA A 122 -13.07 -25.37 -26.10
C ALA A 122 -14.27 -25.22 -25.18
N ASP A 123 -14.16 -25.77 -23.98
CA ASP A 123 -15.24 -25.67 -23.00
C ASP A 123 -15.43 -24.26 -22.48
N VAL A 124 -14.32 -23.57 -22.17
CA VAL A 124 -14.43 -22.20 -21.67
C VAL A 124 -14.99 -21.32 -22.76
N LYS A 125 -14.49 -21.49 -23.99
CA LYS A 125 -14.99 -20.69 -25.09
C LYS A 125 -16.50 -20.89 -25.27
N ALA A 126 -16.96 -22.13 -25.18
CA ALA A 126 -18.38 -22.42 -25.35
C ALA A 126 -19.21 -21.84 -24.21
N THR A 127 -18.71 -21.95 -22.98
CA THR A 127 -19.42 -21.43 -21.81
C THR A 127 -19.43 -19.89 -21.81
N VAL A 128 -18.38 -19.28 -22.36
CA VAL A 128 -18.28 -17.83 -22.46
C VAL A 128 -19.36 -17.34 -23.44
N ASP A 129 -19.48 -17.99 -24.60
CA ASP A 129 -20.51 -17.59 -25.57
C ASP A 129 -21.89 -17.75 -24.97
N TYR A 130 -22.08 -18.79 -24.17
CA TYR A 130 -23.35 -19.05 -23.52
C TYR A 130 -23.68 -17.97 -22.50
N ALA A 131 -22.70 -17.61 -21.68
CA ALA A 131 -22.87 -16.58 -20.68
C ALA A 131 -23.27 -15.26 -21.35
N HIS A 132 -22.52 -14.86 -22.37
CA HIS A 132 -22.79 -13.61 -23.07
C HIS A 132 -24.14 -13.55 -23.75
N ALA A 133 -24.55 -14.66 -24.36
CA ALA A 133 -25.85 -14.72 -25.02
C ALA A 133 -26.96 -14.51 -24.01
N HIS A 134 -26.68 -14.81 -22.75
CA HIS A 134 -27.67 -14.63 -21.71
C HIS A 134 -27.42 -13.38 -20.88
N ASN A 135 -26.52 -12.53 -21.38
CA ASN A 135 -26.16 -11.26 -20.72
C ASN A 135 -25.53 -11.45 -19.34
N VAL A 136 -24.68 -12.46 -19.23
CA VAL A 136 -23.98 -12.75 -17.98
C VAL A 136 -22.51 -12.49 -18.26
N TYR A 137 -21.82 -11.91 -17.29
CA TYR A 137 -20.40 -11.59 -17.47
C TYR A 137 -19.53 -12.69 -16.92
N VAL A 138 -18.39 -12.88 -17.56
CA VAL A 138 -17.47 -13.92 -17.17
C VAL A 138 -16.18 -13.38 -16.54
N VAL A 139 -15.87 -13.86 -15.34
CA VAL A 139 -14.65 -13.52 -14.64
C VAL A 139 -13.83 -14.79 -14.92
N MET A 140 -12.80 -14.69 -15.74
CA MET A 140 -11.98 -15.86 -16.03
C MET A 140 -10.85 -15.86 -15.03
N SER A 141 -10.60 -16.99 -14.40
CA SER A 141 -9.58 -17.05 -13.37
C SER A 141 -8.51 -18.12 -13.41
N ASN A 142 -7.50 -17.90 -12.61
CA ASN A 142 -6.37 -18.82 -12.47
C ASN A 142 -5.73 -18.49 -11.14
N HIS A 143 -5.41 -19.52 -10.37
CA HIS A 143 -4.82 -19.34 -9.06
C HIS A 143 -3.67 -20.31 -8.88
N ASP A 144 -2.62 -19.82 -8.25
CA ASP A 144 -1.46 -20.64 -7.94
C ASP A 144 -1.26 -20.46 -6.45
N PHE A 145 -1.55 -21.50 -5.70
CA PHE A 145 -1.42 -21.45 -4.26
C PHE A 145 -0.04 -21.89 -3.75
N HIS A 146 0.89 -22.15 -4.65
CA HIS A 146 2.23 -22.60 -4.23
C HIS A 146 3.37 -21.65 -4.54
N GLN A 147 3.23 -20.83 -5.58
CA GLN A 147 4.29 -19.91 -5.95
C GLN A 147 3.81 -18.76 -6.81
N THR A 148 4.75 -17.90 -7.18
CA THR A 148 4.49 -16.76 -8.01
C THR A 148 5.30 -16.90 -9.29
N PRO A 149 4.61 -17.09 -10.42
CA PRO A 149 5.36 -17.21 -11.65
C PRO A 149 5.93 -15.85 -12.05
N SER A 150 6.74 -15.82 -13.11
CA SER A 150 7.32 -14.60 -13.59
C SER A 150 6.24 -13.61 -13.97
N ALA A 151 6.62 -12.34 -14.07
CA ALA A 151 5.69 -11.30 -14.43
C ALA A 151 5.27 -11.53 -15.86
N GLU A 152 6.22 -11.94 -16.71
CA GLU A 152 5.93 -12.18 -18.10
C GLU A 152 4.95 -13.34 -18.31
N GLU A 153 5.08 -14.38 -17.49
CA GLU A 153 4.17 -15.52 -17.58
C GLU A 153 2.79 -15.09 -17.10
N MET A 154 2.72 -14.33 -16.01
CA MET A 154 1.43 -13.86 -15.51
C MET A 154 0.77 -12.97 -16.54
N VAL A 155 1.54 -12.12 -17.20
CA VAL A 155 1.01 -11.22 -18.23
C VAL A 155 0.48 -12.05 -19.40
N SER A 156 1.15 -13.17 -19.70
CA SER A 156 0.75 -14.07 -20.78
C SER A 156 -0.64 -14.66 -20.47
N ARG A 157 -0.82 -15.16 -19.26
CA ARG A 157 -2.12 -15.73 -18.87
C ARG A 157 -3.24 -14.74 -18.93
N LEU A 158 -3.02 -13.53 -18.43
CA LEU A 158 -4.06 -12.49 -18.44
C LEU A 158 -4.46 -12.11 -19.87
N ARG A 159 -3.50 -12.14 -20.79
CA ARG A 159 -3.76 -11.81 -22.20
C ARG A 159 -4.54 -12.96 -22.86
N LYS A 160 -4.24 -14.19 -22.47
CA LYS A 160 -4.93 -15.37 -23.00
C LYS A 160 -6.38 -15.34 -22.53
N MET A 161 -6.58 -14.93 -21.28
CA MET A 161 -7.92 -14.81 -20.73
C MET A 161 -8.71 -13.80 -21.55
N GLN A 162 -8.08 -12.69 -21.92
CA GLN A 162 -8.76 -11.67 -22.73
C GLN A 162 -9.09 -12.22 -24.11
N ALA A 163 -8.17 -12.98 -24.70
CA ALA A 163 -8.37 -13.57 -26.02
C ALA A 163 -9.53 -14.58 -26.05
N LEU A 164 -9.76 -15.30 -24.94
CA LEU A 164 -10.86 -16.27 -24.83
C LEU A 164 -12.19 -15.59 -24.53
N GLY A 165 -12.21 -14.26 -24.45
CA GLY A 165 -13.43 -13.52 -24.21
C GLY A 165 -13.79 -13.19 -22.76
N ALA A 166 -12.85 -13.34 -21.84
CA ALA A 166 -13.13 -13.03 -20.45
C ALA A 166 -13.47 -11.55 -20.36
N ASP A 167 -14.48 -11.21 -19.56
CA ASP A 167 -14.86 -9.81 -19.39
C ASP A 167 -13.95 -9.19 -18.33
N ILE A 168 -13.49 -10.01 -17.40
CA ILE A 168 -12.63 -9.58 -16.32
C ILE A 168 -11.63 -10.66 -15.93
N PRO A 169 -10.39 -10.59 -16.43
CA PRO A 169 -9.38 -11.60 -16.08
C PRO A 169 -9.06 -11.46 -14.58
N LYS A 170 -8.77 -12.58 -13.91
CA LYS A 170 -8.43 -12.55 -12.49
C LYS A 170 -7.30 -13.53 -12.23
N ILE A 171 -6.25 -13.09 -11.52
CA ILE A 171 -5.14 -13.98 -11.19
C ILE A 171 -4.71 -13.79 -9.73
N ALA A 172 -4.53 -14.89 -9.01
CA ALA A 172 -4.11 -14.86 -7.62
C ALA A 172 -2.88 -15.74 -7.53
N VAL A 173 -1.85 -15.28 -6.83
CA VAL A 173 -0.62 -16.05 -6.71
C VAL A 173 -0.10 -16.05 -5.29
N MET A 174 0.68 -17.06 -4.94
CA MET A 174 1.21 -17.16 -3.60
C MET A 174 2.63 -16.66 -3.52
N PRO A 175 2.88 -15.62 -2.71
CA PRO A 175 4.25 -15.12 -2.62
C PRO A 175 5.09 -15.98 -1.69
N GLN A 176 6.33 -16.21 -2.05
CA GLN A 176 7.23 -16.97 -1.20
C GLN A 176 8.23 -16.01 -0.53
N SER A 177 8.27 -14.77 -1.03
CA SER A 177 9.14 -13.72 -0.52
C SER A 177 8.47 -12.39 -0.81
N LYS A 178 9.01 -11.31 -0.24
CA LYS A 178 8.45 -9.98 -0.49
C LYS A 178 8.73 -9.59 -1.93
N HIS A 179 9.78 -10.17 -2.51
CA HIS A 179 10.14 -9.91 -3.90
C HIS A 179 9.01 -10.38 -4.81
N ASP A 180 8.34 -11.47 -4.42
CA ASP A 180 7.24 -12.02 -5.21
C ASP A 180 6.07 -11.09 -5.23
N VAL A 181 5.89 -10.35 -4.15
CA VAL A 181 4.79 -9.40 -4.09
C VAL A 181 5.05 -8.28 -5.11
N LEU A 182 6.30 -7.82 -5.19
CA LEU A 182 6.66 -6.78 -6.16
C LEU A 182 6.46 -7.27 -7.61
N THR A 183 6.78 -8.54 -7.86
CA THR A 183 6.58 -9.13 -9.20
C THR A 183 5.11 -9.09 -9.62
N LEU A 184 4.21 -9.36 -8.66
CA LEU A 184 2.77 -9.33 -8.92
C LEU A 184 2.30 -7.91 -9.25
N LEU A 185 2.75 -6.93 -8.47
CA LEU A 185 2.36 -5.54 -8.72
C LEU A 185 2.89 -5.06 -10.06
N THR A 186 4.09 -5.50 -10.41
CA THR A 186 4.72 -5.16 -11.68
C THR A 186 3.93 -5.71 -12.85
N ALA A 187 3.52 -6.98 -12.75
CA ALA A 187 2.74 -7.64 -13.80
C ALA A 187 1.41 -6.93 -13.97
N THR A 188 0.82 -6.51 -12.86
CA THR A 188 -0.45 -5.80 -12.87
C THR A 188 -0.31 -4.46 -13.63
N LEU A 189 0.74 -3.72 -13.31
CA LEU A 189 0.98 -2.42 -13.95
C LEU A 189 1.25 -2.57 -15.46
N GLU A 190 2.12 -3.51 -15.83
CA GLU A 190 2.42 -3.77 -17.23
C GLU A 190 1.14 -4.14 -17.96
N MET A 191 0.32 -4.98 -17.32
CA MET A 191 -0.93 -5.39 -17.92
C MET A 191 -1.83 -4.17 -18.15
N GLN A 192 -2.08 -3.41 -17.09
CA GLN A 192 -2.95 -2.24 -17.20
C GLN A 192 -2.48 -1.17 -18.20
N GLN A 193 -1.18 -0.94 -18.24
CA GLN A 193 -0.61 0.07 -19.14
C GLN A 193 -0.45 -0.28 -20.60
N HIS A 194 -0.06 -1.52 -20.89
CA HIS A 194 0.17 -1.91 -22.30
C HIS A 194 -0.78 -2.88 -22.98
N TYR A 195 -1.33 -3.84 -22.25
CA TYR A 195 -2.18 -4.87 -22.88
C TYR A 195 -3.66 -4.93 -22.55
N ALA A 196 -4.02 -4.54 -21.34
CA ALA A 196 -5.40 -4.60 -20.92
C ALA A 196 -6.33 -3.63 -21.64
N ASP A 197 -7.47 -4.16 -22.08
CA ASP A 197 -8.46 -3.35 -22.73
C ASP A 197 -9.80 -3.59 -22.02
N ARG A 198 -9.70 -4.12 -20.79
CA ARG A 198 -10.86 -4.41 -19.93
C ARG A 198 -10.33 -4.50 -18.50
N PRO A 199 -11.21 -4.45 -17.51
CA PRO A 199 -10.82 -4.53 -16.10
C PRO A 199 -10.06 -5.83 -15.80
N VAL A 200 -9.12 -5.77 -14.88
CA VAL A 200 -8.30 -6.92 -14.49
C VAL A 200 -8.28 -6.97 -12.96
N ILE A 201 -8.30 -8.17 -12.37
CA ILE A 201 -8.25 -8.35 -10.93
C ILE A 201 -7.01 -9.20 -10.66
N THR A 202 -6.13 -8.73 -9.78
CA THR A 202 -4.93 -9.50 -9.43
C THR A 202 -4.73 -9.42 -7.94
N MET A 203 -3.98 -10.35 -7.39
CA MET A 203 -3.68 -10.33 -5.97
C MET A 203 -2.58 -11.31 -5.62
N SER A 204 -1.81 -10.94 -4.61
CA SER A 204 -0.74 -11.76 -4.09
C SER A 204 -1.38 -12.16 -2.77
N MET A 205 -1.40 -13.46 -2.49
CA MET A 205 -2.04 -13.95 -1.27
C MET A 205 -1.16 -13.93 -0.03
N ALA A 206 -1.73 -14.39 1.08
CA ALA A 206 -1.05 -14.46 2.39
C ALA A 206 -0.80 -13.08 3.01
N LYS A 207 -0.21 -13.09 4.20
CA LYS A 207 0.07 -11.84 4.89
C LYS A 207 1.02 -10.97 4.08
N GLU A 208 2.07 -11.56 3.51
CA GLU A 208 3.03 -10.79 2.73
C GLU A 208 2.45 -10.07 1.52
N GLY A 209 1.41 -10.64 0.92
CA GLY A 209 0.82 -10.01 -0.24
C GLY A 209 -0.32 -9.06 0.05
N VAL A 210 -0.65 -8.86 1.32
CA VAL A 210 -1.76 -7.98 1.70
C VAL A 210 -1.74 -6.62 1.02
N ILE A 211 -0.56 -6.05 0.82
CA ILE A 211 -0.44 -4.75 0.17
C ILE A 211 -1.08 -4.75 -1.22
N SER A 212 -0.99 -5.86 -1.96
CA SER A 212 -1.58 -5.94 -3.30
C SER A 212 -3.11 -5.84 -3.29
N ARG A 213 -3.71 -6.12 -2.14
CA ARG A 213 -5.17 -6.06 -1.99
C ARG A 213 -5.62 -4.64 -1.64
N LEU A 214 -4.66 -3.80 -1.27
CA LEU A 214 -4.95 -2.41 -0.88
C LEU A 214 -4.58 -1.38 -1.97
N ALA A 215 -3.51 -1.65 -2.69
CA ALA A 215 -2.97 -0.77 -3.72
C ALA A 215 -3.53 -0.97 -5.10
N GLY A 216 -4.76 -1.46 -5.18
CA GLY A 216 -5.34 -1.72 -6.47
C GLY A 216 -5.48 -0.50 -7.35
N GLU A 217 -5.90 0.62 -6.76
CA GLU A 217 -6.07 1.85 -7.54
C GLU A 217 -4.77 2.39 -8.15
N VAL A 218 -3.65 2.16 -7.47
CA VAL A 218 -2.35 2.62 -7.94
C VAL A 218 -1.81 1.76 -9.08
N PHE A 219 -1.77 0.44 -8.88
CA PHE A 219 -1.22 -0.44 -9.89
C PHE A 219 -2.12 -1.06 -10.97
N GLY A 220 -3.43 -0.89 -10.85
CA GLY A 220 -4.32 -1.42 -11.88
C GLY A 220 -5.29 -2.57 -11.65
N SER A 221 -5.61 -2.90 -10.41
CA SER A 221 -6.54 -3.99 -10.09
C SER A 221 -7.90 -3.35 -9.83
N ALA A 222 -8.90 -3.71 -10.63
CA ALA A 222 -10.23 -3.13 -10.52
C ALA A 222 -11.13 -3.55 -9.37
N ALA A 223 -10.72 -4.58 -8.64
CA ALA A 223 -11.53 -5.08 -7.53
C ALA A 223 -10.65 -5.83 -6.56
N THR A 224 -11.09 -5.87 -5.31
CA THR A 224 -10.34 -6.54 -4.28
C THR A 224 -11.30 -7.29 -3.35
N PHE A 225 -10.81 -8.35 -2.70
CA PHE A 225 -11.64 -9.15 -1.80
C PHE A 225 -11.37 -8.84 -0.35
N GLY A 226 -12.43 -8.78 0.44
CA GLY A 226 -12.32 -8.53 1.86
C GLY A 226 -13.12 -9.62 2.53
N ALA A 227 -12.92 -9.80 3.84
CA ALA A 227 -13.63 -10.82 4.59
C ALA A 227 -14.69 -10.21 5.47
N VAL A 228 -15.85 -10.85 5.56
CA VAL A 228 -16.93 -10.36 6.40
C VAL A 228 -16.75 -11.04 7.75
N LYS A 229 -16.83 -12.37 7.74
CA LYS A 229 -16.67 -13.17 8.94
C LYS A 229 -15.40 -13.98 8.78
N GLN A 230 -15.35 -14.80 7.74
CA GLN A 230 -14.17 -15.61 7.47
C GLN A 230 -13.70 -15.33 6.04
N ALA A 231 -12.40 -15.51 5.83
CA ALA A 231 -11.78 -15.29 4.54
C ALA A 231 -11.97 -16.46 3.59
N SER A 232 -12.19 -16.14 2.31
CA SER A 232 -12.34 -17.15 1.28
C SER A 232 -10.98 -17.48 0.66
N ALA A 233 -9.94 -16.72 1.04
CA ALA A 233 -8.57 -16.95 0.56
C ALA A 233 -7.59 -16.28 1.53
N PRO A 234 -6.37 -16.83 1.66
CA PRO A 234 -5.41 -16.22 2.60
C PRO A 234 -4.99 -14.77 2.27
N GLY A 235 -4.98 -13.92 3.29
CA GLY A 235 -4.56 -12.54 3.12
C GLY A 235 -5.68 -11.53 3.23
N GLN A 236 -6.91 -11.94 3.00
CA GLN A 236 -8.05 -11.03 3.07
C GLN A 236 -8.18 -10.45 4.47
N ILE A 237 -8.49 -9.15 4.54
CA ILE A 237 -8.69 -8.47 5.80
C ILE A 237 -10.15 -8.08 5.88
N ALA A 238 -10.61 -7.71 7.07
CA ALA A 238 -12.00 -7.29 7.28
C ALA A 238 -12.43 -6.23 6.28
N VAL A 239 -13.65 -6.34 5.75
CA VAL A 239 -14.14 -5.37 4.76
C VAL A 239 -14.13 -3.92 5.17
N ASN A 240 -14.42 -3.65 6.44
CA ASN A 240 -14.42 -2.28 6.92
C ASN A 240 -13.05 -1.63 6.89
N ASP A 241 -12.01 -2.39 7.26
CA ASP A 241 -10.63 -1.88 7.24
C ASP A 241 -10.19 -1.74 5.79
N LEU A 242 -10.59 -2.70 4.96
CA LEU A 242 -10.26 -2.67 3.54
C LEU A 242 -10.87 -1.42 2.93
N ARG A 243 -12.12 -1.16 3.28
CA ARG A 243 -12.84 0.01 2.78
C ARG A 243 -12.18 1.33 3.21
N SER A 244 -11.68 1.39 4.44
CA SER A 244 -10.99 2.56 4.99
C SER A 244 -9.72 2.87 4.21
N VAL A 245 -8.87 1.87 4.05
CA VAL A 245 -7.64 2.07 3.32
C VAL A 245 -7.87 2.49 1.87
N LEU A 246 -8.91 1.96 1.25
CA LEU A 246 -9.20 2.30 -0.14
C LEU A 246 -9.58 3.77 -0.32
N MET A 247 -10.39 4.28 0.60
CA MET A 247 -10.84 5.67 0.56
C MET A 247 -9.70 6.63 0.84
N ILE A 248 -8.85 6.29 1.80
CA ILE A 248 -7.71 7.11 2.15
C ILE A 248 -6.79 7.24 0.94
N LEU A 249 -6.50 6.11 0.30
CA LEU A 249 -5.62 6.09 -0.86
C LEU A 249 -6.28 6.77 -2.08
N HIS A 250 -7.60 6.74 -2.13
CA HIS A 250 -8.34 7.34 -3.23
C HIS A 250 -8.41 8.87 -3.17
N ASN A 251 -8.53 9.41 -1.96
CA ASN A 251 -8.64 10.85 -1.77
C ASN A 251 -7.30 11.55 -1.51
N ALA A 252 -6.22 10.76 -1.46
CA ALA A 252 -4.88 11.26 -1.23
C ALA A 252 -4.48 12.28 -2.29
N MET B 1 19.77 -6.08 12.04
CA MET B 1 20.00 -4.62 11.85
C MET B 1 19.95 -3.94 13.22
N LYS B 2 20.62 -2.81 13.33
CA LYS B 2 20.68 -2.01 14.55
C LYS B 2 19.41 -1.14 14.61
N THR B 3 19.03 -0.72 15.80
CA THR B 3 17.90 0.14 15.98
C THR B 3 18.44 1.41 16.59
N VAL B 4 17.63 2.46 16.62
CA VAL B 4 18.04 3.72 17.19
C VAL B 4 16.98 4.05 18.24
N THR B 5 17.37 4.10 19.50
CA THR B 5 16.44 4.43 20.57
C THR B 5 16.59 5.90 20.96
N VAL B 6 15.58 6.69 20.58
CA VAL B 6 15.53 8.12 20.87
C VAL B 6 14.48 8.28 21.94
N LYS B 7 14.90 8.76 23.10
CA LYS B 7 14.02 8.90 24.25
C LYS B 7 13.46 7.49 24.49
N ASN B 8 12.14 7.35 24.55
CA ASN B 8 11.50 6.05 24.79
C ASN B 8 11.10 5.33 23.48
N LEU B 9 11.46 5.92 22.35
CA LEU B 9 11.08 5.41 21.04
C LEU B 9 12.17 4.56 20.41
N ILE B 10 11.81 3.40 19.89
CA ILE B 10 12.79 2.55 19.24
C ILE B 10 12.52 2.61 17.74
N ILE B 11 13.48 3.13 17.00
CA ILE B 11 13.33 3.27 15.57
C ILE B 11 13.96 2.06 14.88
N GLY B 12 13.22 1.48 13.94
CA GLY B 12 13.69 0.31 13.20
C GLY B 12 13.09 -0.97 13.74
N GLU B 13 12.10 -0.84 14.61
CA GLU B 13 11.46 -1.99 15.22
C GLU B 13 9.96 -1.71 15.31
N GLY B 14 9.16 -2.67 14.86
CA GLY B 14 7.71 -2.55 14.92
C GLY B 14 7.08 -1.78 13.78
N MET B 15 6.00 -1.09 14.09
CA MET B 15 5.26 -0.29 13.13
C MET B 15 6.12 0.93 12.81
N PRO B 16 6.16 1.38 11.55
CA PRO B 16 6.98 2.55 11.23
C PRO B 16 6.55 3.76 12.09
N LYS B 17 7.54 4.54 12.52
CA LYS B 17 7.28 5.70 13.34
C LYS B 17 6.81 6.88 12.49
N ILE B 18 5.84 7.64 13.01
CA ILE B 18 5.28 8.80 12.31
C ILE B 18 6.01 10.10 12.68
N ILE B 19 6.46 10.82 11.68
CA ILE B 19 7.15 12.08 11.89
C ILE B 19 6.31 13.20 11.26
N VAL B 20 6.12 14.32 11.98
CA VAL B 20 5.41 15.47 11.42
C VAL B 20 6.38 16.66 11.45
N SER B 21 6.22 17.58 10.51
CA SER B 21 7.07 18.77 10.41
C SER B 21 6.37 20.02 10.96
N LEU B 22 7.08 20.79 11.78
CA LEU B 22 6.54 22.04 12.34
C LEU B 22 7.19 23.14 11.50
N MET B 23 6.37 24.04 10.98
CA MET B 23 6.87 25.11 10.12
C MET B 23 6.36 26.48 10.57
N GLY B 24 7.24 27.23 11.23
CA GLY B 24 6.87 28.56 11.70
C GLY B 24 7.79 29.64 11.17
N ARG B 25 7.19 30.76 10.75
CA ARG B 25 7.93 31.91 10.19
C ARG B 25 8.78 32.65 11.21
N ASP B 26 8.30 32.69 12.45
CA ASP B 26 9.02 33.39 13.50
C ASP B 26 8.68 32.74 14.84
N ILE B 27 9.28 33.28 15.90
CA ILE B 27 9.11 32.75 17.25
C ILE B 27 7.67 32.66 17.72
N ASN B 28 6.85 33.64 17.34
CA ASN B 28 5.44 33.63 17.74
C ASN B 28 4.70 32.51 17.01
N SER B 29 5.00 32.34 15.72
CA SER B 29 4.39 31.29 14.92
C SER B 29 4.86 29.95 15.47
N VAL B 30 6.17 29.78 15.64
CA VAL B 30 6.73 28.53 16.15
C VAL B 30 6.03 28.15 17.46
N LYS B 31 5.81 29.16 18.30
CA LYS B 31 5.16 28.99 19.59
C LYS B 31 3.71 28.53 19.44
N ALA B 32 2.96 29.17 18.55
CA ALA B 32 1.55 28.83 18.32
C ALA B 32 1.40 27.43 17.71
N GLU B 33 2.28 27.10 16.77
CA GLU B 33 2.28 25.79 16.12
C GLU B 33 2.65 24.68 17.11
N ALA B 34 3.62 24.93 17.99
CA ALA B 34 4.06 23.94 18.96
C ALA B 34 2.97 23.57 19.94
N LEU B 35 2.10 24.52 20.26
CA LEU B 35 1.01 24.29 21.19
C LEU B 35 -0.17 23.60 20.49
N ALA B 36 -0.32 23.83 19.19
CA ALA B 36 -1.37 23.21 18.39
C ALA B 36 -1.02 21.74 18.12
N TYR B 37 0.26 21.48 17.83
CA TYR B 37 0.73 20.12 17.56
C TYR B 37 0.59 19.21 18.78
N ARG B 38 0.49 19.78 19.97
CA ARG B 38 0.33 18.97 21.19
C ARG B 38 -0.96 18.13 21.19
N GLU B 39 -1.94 18.56 20.40
CA GLU B 39 -3.20 17.85 20.29
C GLU B 39 -3.20 16.84 19.13
N ALA B 40 -2.02 16.55 18.57
CA ALA B 40 -1.90 15.59 17.47
C ALA B 40 -1.08 14.42 17.96
N THR B 41 -1.27 13.25 17.34
CA THR B 41 -0.53 12.07 17.75
C THR B 41 0.51 11.71 16.69
N PHE B 42 1.77 11.72 17.11
CA PHE B 42 2.92 11.42 16.26
C PHE B 42 4.03 10.97 17.19
N ASP B 43 5.10 10.41 16.63
CA ASP B 43 6.21 9.91 17.43
C ASP B 43 7.44 10.82 17.49
N ILE B 44 7.76 11.46 16.37
CA ILE B 44 8.93 12.32 16.26
C ILE B 44 8.49 13.64 15.64
N LEU B 45 9.01 14.75 16.18
CA LEU B 45 8.70 16.08 15.67
C LEU B 45 9.93 16.58 14.93
N GLU B 46 9.74 17.02 13.70
CA GLU B 46 10.84 17.57 12.94
C GLU B 46 10.56 19.06 12.79
N TRP B 47 11.52 19.88 13.18
CA TRP B 47 11.35 21.33 13.03
C TRP B 47 12.05 21.70 11.73
N ARG B 48 11.30 22.25 10.79
CA ARG B 48 11.88 22.66 9.53
C ARG B 48 12.38 24.09 9.68
N VAL B 49 13.66 24.21 10.04
CA VAL B 49 14.32 25.48 10.28
C VAL B 49 14.36 26.39 9.06
N ASP B 50 14.41 25.82 7.86
CA ASP B 50 14.44 26.62 6.63
C ASP B 50 13.18 27.47 6.43
N HIS B 51 12.13 27.16 7.17
CA HIS B 51 10.89 27.94 7.07
C HIS B 51 10.95 29.14 8.03
N PHE B 52 11.91 29.09 8.98
CA PHE B 52 12.10 30.14 9.98
C PHE B 52 12.82 31.29 9.28
N MET B 53 12.23 32.49 9.33
CA MET B 53 12.80 33.68 8.67
C MET B 53 13.98 34.35 9.37
N ASP B 54 14.17 34.07 10.65
CA ASP B 54 15.25 34.70 11.40
C ASP B 54 16.48 33.80 11.53
N ILE B 55 16.79 33.05 10.48
CA ILE B 55 17.92 32.14 10.52
C ILE B 55 19.27 32.82 10.58
N ALA B 56 19.31 34.11 10.29
CA ALA B 56 20.55 34.88 10.30
C ALA B 56 21.17 34.97 11.70
N SER B 57 20.33 34.90 12.72
CA SER B 57 20.81 34.95 14.09
C SER B 57 20.74 33.58 14.79
N THR B 58 21.91 33.08 15.20
CA THR B 58 22.01 31.82 15.90
C THR B 58 21.20 31.88 17.19
N GLN B 59 21.14 33.05 17.82
CA GLN B 59 20.40 33.22 19.06
C GLN B 59 18.89 33.05 18.82
N SER B 60 18.38 33.56 17.70
CA SER B 60 16.94 33.43 17.38
C SER B 60 16.57 31.99 17.12
N VAL B 61 17.40 31.28 16.35
CA VAL B 61 17.21 29.88 16.03
C VAL B 61 17.20 29.02 17.30
N LEU B 62 18.17 29.25 18.19
CA LEU B 62 18.23 28.50 19.45
C LEU B 62 17.07 28.82 20.37
N THR B 63 16.58 30.05 20.29
CA THR B 63 15.47 30.46 21.12
C THR B 63 14.19 29.79 20.61
N ALA B 64 14.04 29.67 19.30
CA ALA B 64 12.86 29.03 18.74
C ALA B 64 12.88 27.55 19.10
N ALA B 65 14.09 26.97 19.14
CA ALA B 65 14.23 25.57 19.50
C ALA B 65 13.85 25.32 20.96
N ARG B 66 14.22 26.25 21.84
CA ARG B 66 13.91 26.13 23.26
C ARG B 66 12.40 26.20 23.49
N VAL B 67 11.71 27.02 22.70
CA VAL B 67 10.25 27.16 22.78
C VAL B 67 9.56 25.83 22.44
N ILE B 68 10.03 25.17 21.38
CA ILE B 68 9.50 23.88 20.95
C ILE B 68 9.78 22.86 22.05
N ARG B 69 11.03 22.79 22.48
CA ARG B 69 11.46 21.89 23.55
C ARG B 69 10.62 22.03 24.80
N ASP B 70 10.16 23.23 25.12
CA ASP B 70 9.37 23.44 26.33
C ASP B 70 7.93 22.99 26.20
N ALA B 71 7.40 23.06 24.98
CA ALA B 71 6.02 22.66 24.70
C ALA B 71 5.87 21.12 24.62
N MET B 72 6.90 20.45 24.14
CA MET B 72 6.88 19.00 23.98
C MET B 72 8.22 18.44 24.40
N PRO B 73 8.51 18.44 25.69
CA PRO B 73 9.77 17.95 26.28
C PRO B 73 10.01 16.44 26.25
N ASP B 74 9.00 15.70 25.78
CA ASP B 74 9.01 14.26 25.73
C ASP B 74 9.17 13.71 24.32
N ILE B 75 8.78 14.50 23.34
CA ILE B 75 8.83 14.10 21.94
C ILE B 75 10.25 14.20 21.35
N PRO B 76 10.74 13.12 20.70
CA PRO B 76 12.07 13.20 20.09
C PRO B 76 12.03 14.38 19.12
N LEU B 77 13.06 15.21 19.13
CA LEU B 77 13.08 16.38 18.26
C LEU B 77 14.18 16.28 17.20
N LEU B 78 13.78 16.38 15.94
CA LEU B 78 14.69 16.34 14.82
C LEU B 78 14.86 17.79 14.32
N PHE B 79 16.11 18.25 14.25
CA PHE B 79 16.44 19.60 13.80
C PHE B 79 16.81 19.51 12.32
N THR B 80 16.00 20.14 11.47
CA THR B 80 16.23 20.07 10.04
C THR B 80 16.26 21.38 9.25
N PHE B 81 17.40 21.72 8.68
CA PHE B 81 17.44 22.86 7.81
C PHE B 81 17.52 22.23 6.42
N ARG B 82 16.46 22.37 5.63
CA ARG B 82 16.43 21.82 4.29
C ARG B 82 16.83 22.92 3.30
N SER B 83 17.95 22.72 2.59
CA SER B 83 18.42 23.69 1.63
C SER B 83 17.52 23.68 0.40
N ALA B 84 17.43 24.81 -0.29
CA ALA B 84 16.58 24.95 -1.48
C ALA B 84 16.93 24.04 -2.66
N LYS B 85 18.18 23.61 -2.75
CA LYS B 85 18.58 22.70 -3.83
C LYS B 85 17.92 21.33 -3.62
N GLU B 86 17.47 21.07 -2.41
CA GLU B 86 16.83 19.82 -2.08
C GLU B 86 15.39 20.01 -1.63
N GLY B 87 14.72 20.99 -2.23
CA GLY B 87 13.32 21.28 -1.94
C GLY B 87 12.97 22.19 -0.77
N GLY B 88 13.97 22.79 -0.14
CA GLY B 88 13.73 23.67 1.00
C GLY B 88 13.33 25.10 0.65
N GLU B 89 13.10 25.90 1.69
CA GLU B 89 12.68 27.28 1.53
C GLU B 89 13.75 28.34 1.37
N GLN B 90 14.99 28.05 1.76
CA GLN B 90 16.07 29.04 1.69
C GLN B 90 17.43 28.50 1.34
N THR B 91 18.33 29.40 0.99
CA THR B 91 19.70 29.03 0.67
C THR B 91 20.59 29.74 1.68
N ILE B 92 21.55 29.03 2.24
CA ILE B 92 22.51 29.62 3.16
C ILE B 92 23.87 29.04 2.85
N THR B 93 24.91 29.67 3.37
CA THR B 93 26.27 29.23 3.16
C THR B 93 26.51 27.94 3.93
N THR B 94 27.43 27.11 3.46
CA THR B 94 27.76 25.87 4.12
C THR B 94 28.22 26.15 5.56
N GLN B 95 29.00 27.21 5.74
CA GLN B 95 29.48 27.55 7.07
C GLN B 95 28.37 27.98 8.01
N HIS B 96 27.39 28.71 7.50
CA HIS B 96 26.29 29.11 8.38
C HIS B 96 25.48 27.85 8.74
N TYR B 97 25.28 27.01 7.74
CA TYR B 97 24.55 25.77 7.89
C TYR B 97 25.21 24.91 8.98
N LEU B 98 26.53 24.76 8.91
CA LEU B 98 27.25 23.96 9.90
C LEU B 98 27.21 24.60 11.26
N THR B 99 27.22 25.94 11.30
CA THR B 99 27.17 26.63 12.56
C THR B 99 25.84 26.42 13.27
N LEU B 100 24.74 26.50 12.53
CA LEU B 100 23.42 26.30 13.11
C LEU B 100 23.31 24.88 13.67
N ASN B 101 23.80 23.91 12.90
CA ASN B 101 23.78 22.50 13.31
C ASN B 101 24.66 22.21 14.51
N ARG B 102 25.89 22.72 14.55
CA ARG B 102 26.75 22.49 15.71
C ARG B 102 26.20 23.16 16.96
N ALA B 103 25.60 24.35 16.79
CA ALA B 103 24.99 25.08 17.91
C ALA B 103 23.77 24.32 18.45
N ALA B 104 22.95 23.76 17.55
CA ALA B 104 21.77 22.97 17.95
C ALA B 104 22.24 21.73 18.74
N ILE B 105 23.29 21.07 18.25
CA ILE B 105 23.90 19.90 18.88
C ILE B 105 24.42 20.27 20.27
N ASP B 106 25.13 21.39 20.36
CA ASP B 106 25.71 21.92 21.60
C ASP B 106 24.76 22.23 22.72
N SER B 107 23.67 22.89 22.36
CA SER B 107 22.68 23.37 23.30
C SER B 107 21.90 22.36 24.10
N GLY B 108 21.91 21.12 23.64
CA GLY B 108 21.18 20.07 24.32
C GLY B 108 19.69 20.17 24.08
N LEU B 109 19.28 20.91 23.07
CA LEU B 109 17.86 21.12 22.77
C LEU B 109 17.27 20.12 21.78
N VAL B 110 18.09 19.49 20.96
CA VAL B 110 17.58 18.55 19.96
C VAL B 110 18.10 17.13 20.13
N ASP B 111 17.32 16.15 19.68
CA ASP B 111 17.70 14.75 19.79
C ASP B 111 18.41 14.23 18.55
N MET B 112 18.06 14.82 17.41
CA MET B 112 18.62 14.41 16.14
C MET B 112 18.74 15.64 15.28
N ILE B 113 19.65 15.59 14.33
CA ILE B 113 19.83 16.67 13.38
C ILE B 113 19.78 15.99 12.00
N ASP B 114 19.35 16.73 10.99
CA ASP B 114 19.34 16.23 9.63
C ASP B 114 20.55 16.84 8.93
N LEU B 115 21.37 16.01 8.31
CA LEU B 115 22.55 16.47 7.61
C LEU B 115 22.45 15.98 6.16
N GLU B 116 22.45 16.90 5.21
CA GLU B 116 22.38 16.52 3.82
C GLU B 116 23.72 15.93 3.36
N LEU B 117 23.61 14.77 2.71
CA LEU B 117 24.76 14.01 2.19
C LEU B 117 25.68 14.82 1.30
N PHE B 118 25.09 15.52 0.34
CA PHE B 118 25.84 16.32 -0.61
C PHE B 118 26.39 17.66 -0.10
N THR B 119 26.46 17.83 1.22
CA THR B 119 27.00 19.04 1.83
C THR B 119 28.52 19.04 1.64
N GLY B 120 29.12 17.85 1.65
CA GLY B 120 30.56 17.72 1.48
C GLY B 120 31.03 16.68 2.47
N ASP B 121 31.71 15.66 1.98
CA ASP B 121 32.18 14.56 2.83
C ASP B 121 32.90 14.97 4.11
N ALA B 122 33.93 15.81 3.98
CA ALA B 122 34.69 16.26 5.15
C ALA B 122 33.84 16.99 6.18
N ASP B 123 32.94 17.84 5.72
CA ASP B 123 32.07 18.58 6.62
C ASP B 123 31.04 17.69 7.30
N VAL B 124 30.44 16.77 6.53
CA VAL B 124 29.46 15.89 7.10
C VAL B 124 30.13 14.97 8.10
N LYS B 125 31.30 14.45 7.75
CA LYS B 125 32.03 13.56 8.66
C LYS B 125 32.32 14.27 9.98
N ALA B 126 32.76 15.52 9.87
CA ALA B 126 33.08 16.30 11.06
C ALA B 126 31.85 16.58 11.91
N THR B 127 30.75 16.94 11.27
CA THR B 127 29.52 17.24 11.98
C THR B 127 28.91 15.98 12.61
N VAL B 128 29.10 14.84 11.95
CA VAL B 128 28.61 13.56 12.46
C VAL B 128 29.36 13.23 13.76
N ASP B 129 30.70 13.35 13.75
CA ASP B 129 31.50 13.08 14.95
C ASP B 129 31.08 14.01 16.08
N TYR B 130 30.76 15.26 15.73
CA TYR B 130 30.35 16.23 16.72
C TYR B 130 29.00 15.86 17.31
N ALA B 131 28.06 15.47 16.45
CA ALA B 131 26.73 15.08 16.90
C ALA B 131 26.83 13.90 17.88
N HIS B 132 27.59 12.87 17.49
CA HIS B 132 27.74 11.68 18.31
C HIS B 132 28.42 11.93 19.64
N ALA B 133 29.44 12.78 19.63
CA ALA B 133 30.15 13.12 20.86
C ALA B 133 29.18 13.79 21.84
N HIS B 134 28.13 14.42 21.31
CA HIS B 134 27.15 15.08 22.15
C HIS B 134 25.89 14.25 22.34
N ASN B 135 25.96 12.99 21.91
CA ASN B 135 24.84 12.07 22.06
C ASN B 135 23.62 12.50 21.24
N VAL B 136 23.87 12.98 20.03
CA VAL B 136 22.81 13.41 19.14
C VAL B 136 22.89 12.47 17.92
N TYR B 137 21.74 12.08 17.41
CA TYR B 137 21.68 11.17 16.26
C TYR B 137 21.56 11.94 14.97
N VAL B 138 22.19 11.39 13.93
CA VAL B 138 22.19 12.00 12.63
C VAL B 138 21.32 11.28 11.60
N VAL B 139 20.40 12.00 10.99
CA VAL B 139 19.55 11.48 9.92
C VAL B 139 20.25 12.08 8.71
N MET B 140 20.94 11.26 7.91
CA MET B 140 21.63 11.80 6.74
C MET B 140 20.65 11.70 5.59
N SER B 141 20.50 12.78 4.82
CA SER B 141 19.54 12.80 3.76
C SER B 141 19.95 13.24 2.38
N ASN B 142 19.07 12.95 1.43
CA ASN B 142 19.25 13.30 0.05
C ASN B 142 17.85 13.28 -0.58
N HIS B 143 17.54 14.30 -1.37
CA HIS B 143 16.23 14.40 -1.99
C HIS B 143 16.39 14.78 -3.46
N ASP B 144 15.57 14.18 -4.30
CA ASP B 144 15.57 14.49 -5.71
C ASP B 144 14.12 14.84 -6.00
N PHE B 145 13.86 16.12 -6.25
CA PHE B 145 12.50 16.57 -6.53
C PHE B 145 12.14 16.55 -8.02
N HIS B 146 13.03 16.02 -8.85
CA HIS B 146 12.75 16.00 -10.28
C HIS B 146 12.59 14.62 -10.91
N GLN B 147 13.22 13.62 -10.33
CA GLN B 147 13.14 12.27 -10.88
C GLN B 147 13.50 11.19 -9.87
N THR B 148 13.43 9.96 -10.35
CA THR B 148 13.77 8.81 -9.55
C THR B 148 14.95 8.09 -10.20
N PRO B 149 16.09 8.10 -9.51
CA PRO B 149 17.24 7.42 -10.10
C PRO B 149 17.04 5.90 -10.01
N SER B 150 17.95 5.17 -10.62
CA SER B 150 17.87 3.71 -10.60
C SER B 150 17.88 3.19 -9.19
N ALA B 151 17.43 1.95 -9.03
CA ALA B 151 17.41 1.33 -7.73
C ALA B 151 18.87 1.13 -7.26
N GLU B 152 19.74 0.77 -8.20
CA GLU B 152 21.16 0.55 -7.91
C GLU B 152 21.83 1.83 -7.41
N GLU B 153 21.50 2.96 -8.03
CA GLU B 153 22.05 4.24 -7.63
C GLU B 153 21.51 4.65 -6.25
N MET B 154 20.21 4.46 -6.02
CA MET B 154 19.63 4.79 -4.73
C MET B 154 20.24 3.93 -3.64
N VAL B 155 20.50 2.66 -3.94
CA VAL B 155 21.11 1.75 -2.98
C VAL B 155 22.53 2.18 -2.69
N SER B 156 23.23 2.71 -3.70
CA SER B 156 24.60 3.17 -3.48
C SER B 156 24.60 4.39 -2.55
N ARG B 157 23.67 5.33 -2.72
CA ARG B 157 23.62 6.51 -1.85
C ARG B 157 23.35 6.14 -0.40
N LEU B 158 22.41 5.23 -0.18
CA LEU B 158 22.07 4.79 1.16
C LEU B 158 23.25 4.10 1.85
N ARG B 159 24.04 3.37 1.08
CA ARG B 159 25.22 2.69 1.63
C ARG B 159 26.33 3.69 1.95
N LYS B 160 26.45 4.75 1.15
CA LYS B 160 27.45 5.80 1.35
C LYS B 160 27.05 6.55 2.63
N MET B 161 25.76 6.78 2.83
CA MET B 161 25.28 7.43 4.02
C MET B 161 25.66 6.62 5.25
N GLN B 162 25.54 5.31 5.16
CA GLN B 162 25.91 4.42 6.27
C GLN B 162 27.42 4.48 6.52
N ALA B 163 28.21 4.50 5.45
CA ALA B 163 29.67 4.58 5.56
C ALA B 163 30.15 5.89 6.22
N LEU B 164 29.44 6.99 6.00
CA LEU B 164 29.76 8.29 6.59
C LEU B 164 29.29 8.40 8.04
N GLY B 165 28.71 7.33 8.58
CA GLY B 165 28.25 7.33 9.97
C GLY B 165 26.81 7.74 10.25
N ALA B 166 25.97 7.85 9.23
CA ALA B 166 24.59 8.23 9.45
C ALA B 166 23.93 7.18 10.33
N ASP B 167 23.13 7.61 11.30
CA ASP B 167 22.45 6.68 12.15
C ASP B 167 21.18 6.19 11.45
N ILE B 168 20.63 7.04 10.60
CA ILE B 168 19.42 6.73 9.86
C ILE B 168 19.45 7.37 8.48
N PRO B 169 19.81 6.61 7.44
CA PRO B 169 19.83 7.18 6.08
C PRO B 169 18.38 7.50 5.66
N LYS B 170 18.19 8.54 4.86
CA LYS B 170 16.86 8.94 4.39
C LYS B 170 16.95 9.39 2.94
N ILE B 171 16.06 8.89 2.09
CA ILE B 171 16.08 9.28 0.69
C ILE B 171 14.65 9.49 0.21
N ALA B 172 14.43 10.59 -0.51
CA ALA B 172 13.12 10.93 -1.04
C ALA B 172 13.32 11.19 -2.52
N VAL B 173 12.44 10.65 -3.36
CA VAL B 173 12.57 10.82 -4.80
C VAL B 173 11.23 11.16 -5.42
N MET B 174 11.28 11.81 -6.58
CA MET B 174 10.07 12.20 -7.26
C MET B 174 9.72 11.22 -8.38
N PRO B 175 8.55 10.56 -8.30
CA PRO B 175 8.19 9.62 -9.36
C PRO B 175 7.65 10.35 -10.57
N GLN B 176 8.03 9.88 -11.74
CA GLN B 176 7.49 10.44 -12.99
C GLN B 176 6.46 9.48 -13.59
N SER B 177 6.42 8.25 -13.07
CA SER B 177 5.48 7.23 -13.52
C SER B 177 5.25 6.29 -12.34
N LYS B 178 4.25 5.41 -12.45
CA LYS B 178 3.96 4.44 -11.40
C LYS B 178 5.13 3.46 -11.32
N HIS B 179 5.83 3.31 -12.44
CA HIS B 179 6.98 2.42 -12.49
C HIS B 179 8.07 2.91 -11.53
N ASP B 180 8.21 4.23 -11.41
CA ASP B 180 9.20 4.81 -10.55
C ASP B 180 8.91 4.51 -9.11
N VAL B 181 7.62 4.38 -8.78
CA VAL B 181 7.25 4.07 -7.41
C VAL B 181 7.73 2.67 -7.06
N LEU B 182 7.57 1.74 -7.99
CA LEU B 182 8.01 0.37 -7.79
C LEU B 182 9.53 0.32 -7.62
N THR B 183 10.25 1.10 -8.41
CA THR B 183 11.71 1.16 -8.30
C THR B 183 12.16 1.58 -6.88
N LEU B 184 11.45 2.56 -6.30
CA LEU B 184 11.75 3.03 -4.95
C LEU B 184 11.50 1.91 -3.92
N LEU B 185 10.36 1.23 -4.02
CA LEU B 185 10.04 0.13 -3.10
C LEU B 185 11.06 -0.99 -3.22
N THR B 186 11.48 -1.27 -4.45
CA THR B 186 12.48 -2.29 -4.73
C THR B 186 13.83 -1.95 -4.08
N ALA B 187 14.27 -0.71 -4.23
CA ALA B 187 15.54 -0.25 -3.65
C ALA B 187 15.49 -0.34 -2.13
N THR B 188 14.33 -0.03 -1.57
CA THR B 188 14.13 -0.09 -0.12
C THR B 188 14.28 -1.52 0.38
N LEU B 189 13.62 -2.45 -0.30
CA LEU B 189 13.68 -3.86 0.06
C LEU B 189 15.10 -4.43 -0.09
N GLU B 190 15.78 -4.14 -1.19
CA GLU B 190 17.13 -4.65 -1.35
C GLU B 190 18.03 -4.05 -0.28
N MET B 191 17.83 -2.78 0.04
CA MET B 191 18.61 -2.16 1.08
C MET B 191 18.37 -2.87 2.41
N GLN B 192 17.11 -3.00 2.82
CA GLN B 192 16.80 -3.65 4.08
C GLN B 192 17.27 -5.09 4.20
N GLN B 193 17.15 -5.85 3.12
CA GLN B 193 17.52 -7.25 3.13
C GLN B 193 19.00 -7.59 3.01
N HIS B 194 19.75 -6.84 2.21
CA HIS B 194 21.16 -7.15 2.01
C HIS B 194 22.23 -6.23 2.57
N TYR B 195 21.97 -4.93 2.58
CA TYR B 195 23.00 -3.97 3.02
C TYR B 195 22.80 -3.18 4.31
N ALA B 196 21.56 -2.89 4.65
CA ALA B 196 21.26 -2.10 5.83
C ALA B 196 21.59 -2.79 7.15
N ASP B 197 22.28 -2.06 8.01
CA ASP B 197 22.60 -2.55 9.34
C ASP B 197 22.11 -1.55 10.37
N ARG B 198 21.19 -0.69 9.92
CA ARG B 198 20.58 0.36 10.74
C ARG B 198 19.28 0.77 10.05
N PRO B 199 18.38 1.47 10.76
CA PRO B 199 17.11 1.91 10.19
C PRO B 199 17.32 2.79 8.96
N VAL B 200 16.39 2.71 8.01
CA VAL B 200 16.44 3.47 6.76
C VAL B 200 15.07 4.10 6.54
N ILE B 201 15.04 5.31 6.00
CA ILE B 201 13.78 6.00 5.71
C ILE B 201 13.81 6.29 4.21
N THR B 202 12.78 5.87 3.48
CA THR B 202 12.69 6.14 2.04
C THR B 202 11.27 6.56 1.72
N MET B 203 11.10 7.25 0.60
CA MET B 203 9.78 7.65 0.17
C MET B 203 9.81 8.14 -1.27
N SER B 204 8.69 7.90 -1.95
CA SER B 204 8.48 8.33 -3.31
C SER B 204 7.46 9.43 -3.05
N MET B 205 7.71 10.62 -3.57
CA MET B 205 6.82 11.76 -3.31
C MET B 205 5.63 11.84 -4.24
N ALA B 206 4.82 12.88 -4.05
CA ALA B 206 3.63 13.16 -4.87
C ALA B 206 2.49 12.16 -4.63
N LYS B 207 1.37 12.37 -5.32
CA LYS B 207 0.22 11.49 -5.17
C LYS B 207 0.56 10.07 -5.57
N GLU B 208 1.26 9.91 -6.69
CA GLU B 208 1.64 8.59 -7.16
C GLU B 208 2.48 7.77 -6.20
N GLY B 209 3.34 8.43 -5.44
CA GLY B 209 4.19 7.72 -4.49
C GLY B 209 3.60 7.51 -3.11
N VAL B 210 2.36 7.97 -2.87
CA VAL B 210 1.70 7.85 -1.56
C VAL B 210 1.78 6.45 -0.95
N ILE B 211 1.68 5.41 -1.78
CA ILE B 211 1.75 4.05 -1.29
C ILE B 211 3.07 3.79 -0.54
N SER B 212 4.18 4.37 -0.99
CA SER B 212 5.47 4.17 -0.31
C SER B 212 5.49 4.73 1.12
N ARG B 213 4.61 5.66 1.40
CA ARG B 213 4.49 6.27 2.72
C ARG B 213 3.64 5.41 3.66
N LEU B 214 2.89 4.45 3.09
CA LEU B 214 2.02 3.56 3.87
C LEU B 214 2.56 2.14 4.05
N ALA B 215 3.29 1.65 3.06
CA ALA B 215 3.86 0.31 3.05
C ALA B 215 5.24 0.19 3.64
N GLY B 216 5.58 1.06 4.57
CA GLY B 216 6.90 1.02 5.17
C GLY B 216 7.22 -0.28 5.90
N GLU B 217 6.26 -0.81 6.63
CA GLU B 217 6.48 -2.05 7.36
C GLU B 217 6.74 -3.26 6.47
N VAL B 218 6.14 -3.27 5.29
CA VAL B 218 6.33 -4.36 4.34
C VAL B 218 7.69 -4.30 3.66
N PHE B 219 8.03 -3.16 3.08
CA PHE B 219 9.27 -3.03 2.34
C PHE B 219 10.56 -2.57 3.05
N GLY B 220 10.46 -2.12 4.28
CA GLY B 220 11.66 -1.72 5.00
C GLY B 220 11.97 -0.28 5.38
N SER B 221 10.97 0.60 5.41
CA SER B 221 11.17 2.01 5.79
C SER B 221 10.75 2.14 7.24
N ALA B 222 11.67 2.54 8.11
CA ALA B 222 11.42 2.62 9.54
C ALA B 222 10.59 3.79 10.04
N ALA B 223 10.32 4.77 9.17
CA ALA B 223 9.53 5.94 9.58
C ALA B 223 8.90 6.58 8.37
N THR B 224 7.80 7.28 8.61
CA THR B 224 7.08 7.91 7.54
C THR B 224 6.57 9.29 7.98
N PHE B 225 6.38 10.21 7.05
CA PHE B 225 5.91 11.56 7.36
C PHE B 225 4.45 11.76 7.07
N GLY B 226 3.74 12.42 7.99
CA GLY B 226 2.33 12.71 7.81
C GLY B 226 2.17 14.21 8.03
N ALA B 227 1.06 14.76 7.58
CA ALA B 227 0.81 16.19 7.73
C ALA B 227 -0.19 16.46 8.85
N VAL B 228 0.06 17.51 9.64
CA VAL B 228 -0.87 17.87 10.72
C VAL B 228 -1.83 18.89 10.13
N LYS B 229 -1.29 20.01 9.67
CA LYS B 229 -2.08 21.08 9.06
C LYS B 229 -1.68 21.15 7.60
N GLN B 230 -0.40 21.41 7.35
CA GLN B 230 0.10 21.48 5.99
C GLN B 230 1.28 20.51 5.85
N ALA B 231 1.47 20.04 4.62
CA ALA B 231 2.52 19.10 4.29
C ALA B 231 3.88 19.78 4.12
N SER B 232 4.94 19.12 4.59
CA SER B 232 6.29 19.63 4.45
C SER B 232 6.92 19.11 3.16
N ALA B 233 6.22 18.19 2.48
CA ALA B 233 6.69 17.62 1.20
C ALA B 233 5.48 17.04 0.47
N PRO B 234 5.51 17.05 -0.88
CA PRO B 234 4.35 16.50 -1.62
C PRO B 234 4.06 15.00 -1.38
N GLY B 235 2.78 14.69 -1.18
CA GLY B 235 2.36 13.32 -0.98
C GLY B 235 1.92 12.99 0.41
N GLN B 236 2.36 13.76 1.41
CA GLN B 236 1.98 13.49 2.79
C GLN B 236 0.48 13.60 2.96
N ILE B 237 -0.07 12.68 3.75
CA ILE B 237 -1.50 12.67 4.05
C ILE B 237 -1.64 12.98 5.53
N ALA B 238 -2.86 13.31 5.95
CA ALA B 238 -3.15 13.63 7.35
C ALA B 238 -2.62 12.55 8.28
N VAL B 239 -2.03 12.94 9.42
CA VAL B 239 -1.49 11.97 10.37
C VAL B 239 -2.46 10.92 10.90
N ASN B 240 -3.71 11.31 11.09
CA ASN B 240 -4.72 10.37 11.59
C ASN B 240 -4.99 9.22 10.59
N ASP B 241 -5.11 9.57 9.30
CA ASP B 241 -5.33 8.58 8.25
C ASP B 241 -4.09 7.74 8.09
N LEU B 242 -2.92 8.37 8.16
CA LEU B 242 -1.65 7.67 8.05
C LEU B 242 -1.54 6.66 9.19
N ARG B 243 -1.92 7.09 10.39
CA ARG B 243 -1.88 6.23 11.57
C ARG B 243 -2.84 5.03 11.42
N SER B 244 -4.03 5.26 10.88
CA SER B 244 -5.02 4.19 10.65
C SER B 244 -4.51 3.11 9.69
N VAL B 245 -3.99 3.52 8.53
CA VAL B 245 -3.47 2.58 7.56
C VAL B 245 -2.30 1.78 8.12
N LEU B 246 -1.45 2.40 8.93
CA LEU B 246 -0.29 1.70 9.51
C LEU B 246 -0.71 0.58 10.47
N MET B 247 -1.72 0.86 11.29
CA MET B 247 -2.19 -0.12 12.25
C MET B 247 -2.89 -1.29 11.57
N ILE B 248 -3.69 -0.98 10.54
CA ILE B 248 -4.39 -2.00 9.78
C ILE B 248 -3.39 -2.95 9.14
N LEU B 249 -2.38 -2.39 8.50
CA LEU B 249 -1.34 -3.18 7.85
C LEU B 249 -0.48 -3.93 8.86
N HIS B 250 -0.35 -3.37 10.06
CA HIS B 250 0.46 -3.98 11.11
C HIS B 250 -0.19 -5.20 11.77
N ASN B 251 -1.51 -5.13 11.93
CA ASN B 251 -2.27 -6.21 12.58
C ASN B 251 -2.85 -7.23 11.61
N ALA B 252 -2.63 -7.00 10.32
CA ALA B 252 -3.12 -7.89 9.26
C ALA B 252 -2.57 -9.29 9.41
#